data_3CED
#
_entry.id   3CED
#
_cell.length_a   132.550
_cell.length_b   132.550
_cell.length_c   132.083
_cell.angle_alpha   90.000
_cell.angle_beta   90.000
_cell.angle_gamma   90.000
#
_symmetry.space_group_name_H-M   'I 4 2 2'
#
loop_
_entity.id
_entity.type
_entity.pdbx_description
1 polymer 'Methionine import ATP-binding protein metN 2'
2 non-polymer 1,4-BUTANEDIOL
3 water water
#
_entity_poly.entity_id   1
_entity_poly.type   'polypeptide(L)'
_entity_poly.pdbx_seq_one_letter_code
;SNADDFETSLTELEPLEKDAYIVRLVFAGSTTTEPIVSSLSTAYDIKINILEANIKNTKNGTVGFLVLHIPYISSVDFGK
FEKELIERQVK(MSE)EVLRHG
;
_entity_poly.pdbx_strand_id   A,B,C
#
loop_
_chem_comp.id
_chem_comp.type
_chem_comp.name
_chem_comp.formula
BU1 non-polymer 1,4-BUTANEDIOL 'C4 H10 O2'
#
# COMPACT_ATOMS: atom_id res chain seq x y z
N SER A 1 2.26 8.59 5.05
CA SER A 1 2.39 7.33 4.26
C SER A 1 3.67 6.56 4.65
N ASN A 2 3.81 5.34 4.11
CA ASN A 2 5.00 4.52 4.34
C ASN A 2 6.25 5.11 3.70
N ALA A 3 6.06 5.74 2.54
CA ALA A 3 7.13 6.43 1.82
C ALA A 3 7.58 7.69 2.60
N ASP A 4 6.61 8.41 3.18
CA ASP A 4 6.93 9.57 4.03
C ASP A 4 7.72 9.14 5.27
N ASP A 5 7.27 8.07 5.94
CA ASP A 5 7.94 7.54 7.13
C ASP A 5 9.36 7.05 6.79
N PHE A 6 9.49 6.33 5.68
CA PHE A 6 10.79 5.86 5.19
C PHE A 6 11.78 7.03 5.00
N GLU A 7 11.35 8.06 4.27
CA GLU A 7 12.18 9.25 4.05
C GLU A 7 12.54 9.98 5.35
N THR A 8 11.58 10.05 6.28
CA THR A 8 11.81 10.62 7.61
C THR A 8 12.93 9.87 8.34
N SER A 9 12.94 8.54 8.22
CA SER A 9 13.97 7.71 8.84
C SER A 9 15.37 7.90 8.22
N LEU A 10 15.45 8.15 6.91
CA LEU A 10 16.73 8.47 6.29
C LEU A 10 17.24 9.84 6.75
N THR A 11 16.34 10.82 6.78
CA THR A 11 16.68 12.18 7.17
C THR A 11 17.18 12.22 8.62
N GLU A 12 16.67 11.31 9.43
CA GLU A 12 17.13 11.15 10.81
C GLU A 12 18.60 10.72 10.91
N LEU A 13 19.11 10.01 9.90
CA LEU A 13 20.53 9.62 9.87
C LEU A 13 21.47 10.73 9.40
N GLU A 14 20.91 11.85 8.99
CA GLU A 14 21.70 12.98 8.51
C GLU A 14 22.09 13.88 9.69
N PRO A 15 23.17 14.67 9.56
CA PRO A 15 24.07 14.76 8.40
C PRO A 15 24.95 13.50 8.26
N LEU A 16 25.17 13.06 7.02
CA LEU A 16 26.13 12.01 6.74
C LEU A 16 27.50 12.66 6.65
N GLU A 17 28.53 11.92 7.02
CA GLU A 17 29.92 12.33 6.80
C GLU A 17 30.25 12.31 5.32
N LYS A 18 31.23 13.13 4.93
CA LYS A 18 31.77 13.08 3.59
C LYS A 18 32.20 11.64 3.33
N ASP A 19 31.87 11.15 2.13
CA ASP A 19 32.23 9.79 1.69
C ASP A 19 31.36 8.70 2.30
N ALA A 20 30.28 9.10 2.97
CA ALA A 20 29.21 8.19 3.42
C ALA A 20 28.02 8.33 2.47
N TYR A 21 27.29 7.23 2.23
CA TYR A 21 26.13 7.22 1.33
C TYR A 21 24.99 6.38 1.87
N ILE A 22 23.77 6.73 1.48
CA ILE A 22 22.66 5.80 1.56
C ILE A 22 22.19 5.54 0.12
N VAL A 23 22.23 4.28 -0.29
CA VAL A 23 21.88 3.92 -1.67
C VAL A 23 20.76 2.89 -1.66
N ARG A 24 19.98 2.86 -2.74
CA ARG A 24 19.02 1.79 -2.95
C ARG A 24 19.49 0.95 -4.13
N LEU A 25 19.55 -0.37 -3.93
CA LEU A 25 19.89 -1.32 -5.00
C LEU A 25 18.59 -1.94 -5.49
N VAL A 26 18.38 -1.93 -6.82
CA VAL A 26 17.13 -2.38 -7.44
C VAL A 26 17.39 -3.65 -8.22
N PHE A 27 16.67 -4.71 -7.85
CA PHE A 27 16.84 -6.04 -8.43
C PHE A 27 15.62 -6.34 -9.29
N ALA A 28 15.86 -6.85 -10.50
CA ALA A 28 14.77 -7.20 -11.42
C ALA A 28 15.07 -8.50 -12.12
N GLY A 29 15.20 -9.59 -11.35
CA GLY A 29 15.42 -10.92 -11.92
C GLY A 29 16.84 -11.41 -11.77
N SER A 30 17.54 -10.91 -10.75
CA SER A 30 18.94 -11.25 -10.52
C SER A 30 19.09 -12.56 -9.73
N THR A 31 20.33 -12.98 -9.50
CA THR A 31 20.59 -14.03 -8.52
C THR A 31 20.47 -13.41 -7.10
N THR A 32 20.54 -14.24 -6.05
CA THR A 32 20.25 -13.78 -4.68
C THR A 32 21.12 -12.60 -4.18
N THR A 33 20.53 -11.75 -3.36
CA THR A 33 21.20 -10.55 -2.85
C THR A 33 22.43 -10.81 -1.94
N GLU A 34 22.38 -11.87 -1.12
CA GLU A 34 23.46 -12.12 -0.14
C GLU A 34 24.85 -12.26 -0.78
N PRO A 35 25.00 -13.19 -1.75
CA PRO A 35 26.33 -13.29 -2.37
C PRO A 35 26.77 -11.93 -2.94
N ILE A 36 25.82 -11.05 -3.28
CA ILE A 36 26.12 -9.72 -3.84
C ILE A 36 26.61 -8.71 -2.78
N VAL A 37 25.97 -8.64 -1.61
CA VAL A 37 26.35 -7.71 -0.56
C VAL A 37 27.69 -8.09 0.12
N SER A 38 27.91 -9.40 0.31
CA SER A 38 29.15 -9.86 0.93
C SER A 38 30.28 -9.72 -0.07
N SER A 39 29.97 -9.99 -1.35
N SER A 39 29.98 -9.96 -1.35
CA SER A 39 30.91 -9.82 -2.45
CA SER A 39 30.96 -9.84 -2.41
C SER A 39 31.41 -8.38 -2.59
C SER A 39 31.41 -8.37 -2.66
N LEU A 40 30.48 -7.44 -2.51
CA LEU A 40 30.78 -6.01 -2.62
C LEU A 40 31.61 -5.55 -1.41
N SER A 41 31.20 -5.96 -0.22
CA SER A 41 31.93 -5.62 0.99
C SER A 41 33.40 -6.11 0.91
N THR A 42 33.59 -7.37 0.51
CA THR A 42 34.93 -7.94 0.31
C THR A 42 35.71 -7.19 -0.75
N ALA A 43 35.08 -6.89 -1.88
CA ALA A 43 35.80 -6.26 -3.00
C ALA A 43 36.36 -4.87 -2.67
N TYR A 44 35.60 -4.08 -1.89
CA TYR A 44 35.99 -2.71 -1.59
C TYR A 44 36.41 -2.48 -0.14
N ASP A 45 36.45 -3.56 0.65
CA ASP A 45 36.87 -3.49 2.05
C ASP A 45 36.02 -2.48 2.81
N ILE A 46 34.71 -2.58 2.61
CA ILE A 46 33.78 -1.63 3.21
C ILE A 46 32.77 -2.30 4.15
N LYS A 47 32.34 -1.52 5.12
CA LYS A 47 31.23 -1.87 5.98
C LYS A 47 29.95 -1.54 5.22
N ILE A 48 28.98 -2.45 5.23
CA ILE A 48 27.68 -2.17 4.63
C ILE A 48 26.62 -2.46 5.66
N ASN A 49 25.80 -1.46 6.00
CA ASN A 49 24.71 -1.65 6.94
C ASN A 49 23.41 -1.75 6.15
N ILE A 50 22.70 -2.87 6.28
CA ILE A 50 21.41 -3.01 5.62
C ILE A 50 20.34 -2.26 6.44
N LEU A 51 19.78 -1.22 5.85
CA LEU A 51 18.74 -0.42 6.50
C LEU A 51 17.37 -1.02 6.25
N GLU A 52 17.16 -1.49 5.02
CA GLU A 52 15.91 -2.10 4.61
C GLU A 52 16.08 -3.14 3.52
N ALA A 53 15.29 -4.21 3.58
CA ALA A 53 15.25 -5.21 2.53
C ALA A 53 13.79 -5.45 2.19
N ASN A 54 13.45 -5.36 0.91
CA ASN A 54 12.13 -5.66 0.42
C ASN A 54 12.29 -6.46 -0.87
N ILE A 55 12.30 -7.77 -0.72
CA ILE A 55 12.83 -8.69 -1.72
C ILE A 55 11.92 -9.90 -1.81
N LYS A 56 11.67 -10.35 -3.05
CA LYS A 56 11.04 -11.64 -3.32
C LYS A 56 11.98 -12.50 -4.17
N ASN A 57 12.17 -13.75 -3.73
CA ASN A 57 12.91 -14.72 -4.51
C ASN A 57 11.92 -15.58 -5.28
N THR A 58 11.82 -15.30 -6.58
CA THR A 58 10.75 -15.84 -7.43
C THR A 58 11.32 -16.94 -8.33
N LYS A 59 10.46 -17.51 -9.17
CA LYS A 59 10.89 -18.49 -10.18
C LYS A 59 11.87 -17.80 -11.14
N ASN A 60 11.55 -16.57 -11.50
CA ASN A 60 12.37 -15.77 -12.42
C ASN A 60 13.47 -14.93 -11.73
N GLY A 61 13.94 -15.37 -10.57
CA GLY A 61 15.01 -14.67 -9.85
C GLY A 61 14.54 -13.69 -8.79
N THR A 62 15.47 -12.86 -8.34
CA THR A 62 15.25 -11.94 -7.22
C THR A 62 14.74 -10.58 -7.71
N VAL A 63 13.63 -10.15 -7.11
CA VAL A 63 12.97 -8.89 -7.45
C VAL A 63 12.78 -8.07 -6.16
N GLY A 64 13.13 -6.79 -6.24
CA GLY A 64 12.83 -5.81 -5.19
C GLY A 64 14.04 -4.94 -4.92
N PHE A 65 14.25 -4.58 -3.66
CA PHE A 65 15.34 -3.67 -3.34
C PHE A 65 15.96 -3.84 -1.97
N LEU A 66 17.19 -3.34 -1.86
CA LEU A 66 17.89 -3.19 -0.59
C LEU A 66 18.23 -1.73 -0.41
N VAL A 67 18.06 -1.20 0.80
CA VAL A 67 18.56 0.14 1.12
C VAL A 67 19.77 -0.05 2.04
N LEU A 68 20.91 0.47 1.58
CA LEU A 68 22.19 0.24 2.24
C LEU A 68 22.79 1.56 2.72
N HIS A 69 23.29 1.55 3.94
CA HIS A 69 24.10 2.64 4.45
C HIS A 69 25.57 2.23 4.37
N ILE A 70 26.38 3.04 3.70
CA ILE A 70 27.81 2.76 3.60
C ILE A 70 28.53 3.89 4.33
N PRO A 71 29.07 3.63 5.55
CA PRO A 71 29.68 4.74 6.31
C PRO A 71 30.94 5.35 5.69
N TYR A 72 31.64 4.60 4.85
CA TYR A 72 32.80 5.14 4.14
C TYR A 72 33.07 4.32 2.89
N ILE A 73 33.27 5.02 1.78
CA ILE A 73 33.85 4.41 0.58
C ILE A 73 34.51 5.54 -0.22
N SER A 74 35.71 5.30 -0.76
CA SER A 74 36.36 6.38 -1.54
C SER A 74 35.59 6.66 -2.83
N SER A 75 35.80 7.86 -3.36
N SER A 75 35.77 7.86 -3.37
CA SER A 75 35.12 8.30 -4.58
CA SER A 75 35.06 8.24 -4.59
C SER A 75 35.42 7.36 -5.76
C SER A 75 35.39 7.30 -5.75
N VAL A 76 36.67 6.92 -5.86
CA VAL A 76 37.10 5.99 -6.91
C VAL A 76 36.46 4.61 -6.73
N ASP A 77 36.43 4.11 -5.48
CA ASP A 77 35.78 2.82 -5.23
C ASP A 77 34.27 2.86 -5.38
N PHE A 78 33.66 3.98 -5.06
CA PHE A 78 32.20 4.13 -5.29
C PHE A 78 31.84 4.02 -6.78
N GLY A 79 32.68 4.61 -7.65
CA GLY A 79 32.52 4.47 -9.10
C GLY A 79 32.64 3.01 -9.53
N LYS A 80 33.64 2.30 -9.00
CA LYS A 80 33.80 0.87 -9.32
C LYS A 80 32.66 0.03 -8.79
N PHE A 81 32.22 0.34 -7.57
CA PHE A 81 31.06 -0.31 -6.92
C PHE A 81 29.81 -0.23 -7.84
N GLU A 82 29.50 0.98 -8.33
CA GLU A 82 28.33 1.15 -9.20
C GLU A 82 28.49 0.39 -10.53
N LYS A 83 29.68 0.47 -11.12
CA LYS A 83 29.97 -0.22 -12.38
C LYS A 83 29.79 -1.75 -12.24
N GLU A 84 30.25 -2.32 -11.13
CA GLU A 84 30.08 -3.75 -10.88
C GLU A 84 28.60 -4.11 -10.77
N LEU A 85 27.82 -3.26 -10.12
CA LEU A 85 26.38 -3.46 -10.04
C LEU A 85 25.70 -3.38 -11.42
N ILE A 86 26.09 -2.40 -12.22
CA ILE A 86 25.60 -2.27 -13.59
C ILE A 86 25.86 -3.58 -14.38
N GLU A 87 27.06 -4.15 -14.25
CA GLU A 87 27.39 -5.41 -14.92
C GLU A 87 26.53 -6.59 -14.45
N ARG A 88 26.07 -6.54 -13.21
CA ARG A 88 25.15 -7.55 -12.67
C ARG A 88 23.69 -7.19 -12.94
N GLN A 89 23.48 -6.15 -13.73
CA GLN A 89 22.15 -5.59 -13.96
C GLN A 89 21.37 -5.24 -12.69
N VAL A 90 22.07 -4.64 -11.72
CA VAL A 90 21.44 -4.07 -10.54
C VAL A 90 21.58 -2.55 -10.67
N LYS A 91 20.48 -1.83 -10.53
CA LYS A 91 20.50 -0.39 -10.61
C LYS A 91 20.81 0.18 -9.24
N MSE A 92 21.53 1.29 -9.20
CA MSE A 92 21.87 1.88 -7.91
C MSE A 92 21.34 3.32 -7.87
O MSE A 92 21.63 4.12 -8.76
CB MSE A 92 23.37 1.88 -7.67
CG MSE A 92 23.77 2.37 -6.27
SE MSE A 92 25.70 2.77 -6.18
CE MSE A 92 25.66 4.53 -7.02
N GLU A 93 20.58 3.62 -6.83
CA GLU A 93 20.05 4.97 -6.66
C GLU A 93 20.75 5.59 -5.47
N VAL A 94 21.15 6.85 -5.59
CA VAL A 94 21.77 7.53 -4.45
C VAL A 94 20.70 8.31 -3.69
N LEU A 95 20.38 7.86 -2.48
CA LEU A 95 19.30 8.52 -1.71
C LEU A 95 19.77 9.67 -0.85
N ARG A 96 20.93 9.51 -0.21
CA ARG A 96 21.59 10.52 0.61
C ARG A 96 23.09 10.39 0.48
N HIS A 97 23.79 11.51 0.61
CA HIS A 97 25.25 11.52 0.60
C HIS A 97 25.74 12.62 1.57
N GLY A 98 27.03 12.60 1.90
CA GLY A 98 27.63 13.60 2.79
C GLY A 98 28.34 14.66 1.98
N SER B 1 4.87 0.35 8.84
CA SER B 1 3.91 0.07 7.73
C SER B 1 2.57 -0.42 8.29
N ASN B 2 1.58 -0.55 7.40
CA ASN B 2 0.26 -1.06 7.78
C ASN B 2 0.29 -2.54 8.19
N ALA B 3 1.19 -3.30 7.57
CA ALA B 3 1.44 -4.70 7.93
C ALA B 3 2.06 -4.83 9.34
N ASP B 4 2.93 -3.88 9.68
CA ASP B 4 3.52 -3.81 11.03
C ASP B 4 2.43 -3.51 12.06
N ASP B 5 1.59 -2.51 11.75
CA ASP B 5 0.46 -2.13 12.61
C ASP B 5 -0.54 -3.28 12.78
N PHE B 6 -0.88 -3.94 11.68
CA PHE B 6 -1.77 -5.12 11.71
C PHE B 6 -1.23 -6.17 12.68
N GLU B 7 0.04 -6.54 12.53
CA GLU B 7 0.68 -7.51 13.42
C GLU B 7 0.68 -7.05 14.90
N THR B 8 0.97 -5.76 15.12
CA THR B 8 0.93 -5.16 16.47
C THR B 8 -0.46 -5.34 17.10
N SER B 9 -1.51 -5.11 16.31
CA SER B 9 -2.88 -5.28 16.80
C SER B 9 -3.20 -6.74 17.17
N LEU B 10 -2.69 -7.71 16.42
CA LEU B 10 -2.89 -9.13 16.79
C LEU B 10 -2.19 -9.49 18.09
N THR B 11 -0.95 -9.01 18.23
CA THR B 11 -0.11 -9.29 19.40
C THR B 11 -0.75 -8.71 20.67
N GLU B 12 -1.47 -7.60 20.50
CA GLU B 12 -2.23 -7.00 21.59
C GLU B 12 -3.37 -7.91 22.09
N LEU B 13 -3.82 -8.85 21.27
CA LEU B 13 -4.86 -9.80 21.67
C LEU B 13 -4.31 -11.02 22.40
N GLU B 14 -2.99 -11.10 22.48
CA GLU B 14 -2.31 -12.20 23.15
C GLU B 14 -2.10 -11.87 24.64
N PRO B 15 -1.94 -12.90 25.50
CA PRO B 15 -1.96 -14.33 25.16
C PRO B 15 -3.37 -14.82 24.81
N LEU B 16 -3.46 -15.70 23.82
CA LEU B 16 -4.72 -16.38 23.52
C LEU B 16 -4.81 -17.56 24.48
N GLU B 17 -6.04 -17.93 24.82
CA GLU B 17 -6.33 -19.15 25.57
C GLU B 17 -6.07 -20.37 24.70
N LYS B 18 -5.84 -21.50 25.36
CA LYS B 18 -5.70 -22.75 24.64
CA LYS B 18 -5.72 -22.78 24.67
C LYS B 18 -7.02 -22.99 23.90
N ASP B 19 -6.89 -23.46 22.66
CA ASP B 19 -8.05 -23.73 21.78
C ASP B 19 -8.69 -22.47 21.18
N ALA B 20 -8.03 -21.32 21.36
CA ALA B 20 -8.40 -20.08 20.65
C ALA B 20 -7.41 -19.88 19.50
N TYR B 21 -7.87 -19.24 18.42
CA TYR B 21 -7.05 -19.02 17.21
C TYR B 21 -7.34 -17.68 16.58
N ILE B 22 -6.34 -17.13 15.91
CA ILE B 22 -6.58 -16.08 14.90
C ILE B 22 -6.14 -16.65 13.55
N VAL B 23 -7.06 -16.69 12.61
CA VAL B 23 -6.77 -17.28 11.28
C VAL B 23 -7.06 -16.24 10.22
N ARG B 24 -6.41 -16.39 9.06
CA ARG B 24 -6.76 -15.63 7.87
C ARG B 24 -7.31 -16.60 6.81
N LEU B 25 -8.48 -16.28 6.27
CA LEU B 25 -9.08 -17.07 5.20
C LEU B 25 -8.80 -16.33 3.91
N VAL B 26 -8.31 -17.04 2.89
CA VAL B 26 -7.88 -16.45 1.63
C VAL B 26 -8.84 -16.90 0.53
N PHE B 27 -9.46 -15.92 -0.13
CA PHE B 27 -10.46 -16.19 -1.19
C PHE B 27 -9.84 -15.83 -2.54
N ALA B 28 -9.94 -16.74 -3.51
CA ALA B 28 -9.45 -16.46 -4.86
C ALA B 28 -10.48 -16.86 -5.90
N GLY B 29 -11.64 -16.20 -5.90
CA GLY B 29 -12.69 -16.45 -6.89
C GLY B 29 -13.80 -17.33 -6.38
N SER B 30 -14.05 -17.26 -5.08
CA SER B 30 -15.07 -18.07 -4.42
C SER B 30 -16.44 -17.38 -4.48
N THR B 31 -17.44 -18.00 -3.86
CA THR B 31 -18.73 -17.34 -3.64
C THR B 31 -18.61 -16.43 -2.40
N THR B 32 -19.62 -15.58 -2.14
CA THR B 32 -19.51 -14.56 -1.09
C THR B 32 -19.13 -15.11 0.30
N THR B 33 -18.39 -14.31 1.07
CA THR B 33 -17.90 -14.73 2.38
C THR B 33 -18.98 -14.97 3.46
N GLU B 34 -20.07 -14.19 3.44
CA GLU B 34 -21.11 -14.30 4.50
C GLU B 34 -21.72 -15.71 4.64
N PRO B 35 -22.25 -16.29 3.54
CA PRO B 35 -22.79 -17.63 3.71
C PRO B 35 -21.72 -18.60 4.24
N ILE B 36 -20.44 -18.30 4.01
CA ILE B 36 -19.33 -19.15 4.48
C ILE B 36 -19.07 -19.01 5.99
N VAL B 37 -19.04 -17.79 6.51
CA VAL B 37 -18.79 -17.54 7.93
C VAL B 37 -19.98 -17.92 8.85
N SER B 38 -21.20 -17.68 8.38
N SER B 38 -21.20 -17.66 8.39
CA SER B 38 -22.41 -18.06 9.09
CA SER B 38 -22.41 -18.08 9.11
C SER B 38 -22.51 -19.58 9.08
C SER B 38 -22.50 -19.59 9.09
N SER B 39 -22.24 -20.16 7.92
CA SER B 39 -22.26 -21.58 7.74
C SER B 39 -21.25 -22.34 8.61
N LEU B 40 -20.04 -21.79 8.75
CA LEU B 40 -19.01 -22.37 9.62
C LEU B 40 -19.39 -22.27 11.11
N SER B 41 -19.90 -21.11 11.51
CA SER B 41 -20.34 -20.92 12.88
C SER B 41 -21.43 -21.95 13.26
N THR B 42 -22.41 -22.14 12.37
CA THR B 42 -23.49 -23.09 12.57
C THR B 42 -22.97 -24.50 12.64
N ALA B 43 -22.10 -24.87 11.71
CA ALA B 43 -21.60 -26.24 11.64
C ALA B 43 -20.81 -26.68 12.86
N TYR B 44 -20.00 -25.79 13.44
CA TYR B 44 -19.14 -26.15 14.57
C TYR B 44 -19.60 -25.57 15.91
N ASP B 45 -20.72 -24.86 15.89
CA ASP B 45 -21.29 -24.26 17.12
C ASP B 45 -20.27 -23.33 17.78
N ILE B 46 -19.65 -22.48 16.97
CA ILE B 46 -18.58 -21.61 17.44
C ILE B 46 -18.90 -20.13 17.27
N LYS B 47 -18.32 -19.33 18.15
CA LYS B 47 -18.35 -17.89 18.03
C LYS B 47 -17.23 -17.53 17.04
N ILE B 48 -17.52 -16.62 16.11
CA ILE B 48 -16.48 -16.14 15.20
C ILE B 48 -16.48 -14.61 15.24
N ASN B 49 -15.36 -14.01 15.61
CA ASN B 49 -15.26 -12.56 15.60
C ASN B 49 -14.46 -12.14 14.36
N ILE B 50 -15.06 -11.32 13.52
CA ILE B 50 -14.34 -10.79 12.37
C ILE B 50 -13.46 -9.62 12.83
N LEU B 51 -12.15 -9.79 12.69
CA LEU B 51 -11.22 -8.71 13.06
C LEU B 51 -10.98 -7.81 11.88
N GLU B 52 -10.89 -8.41 10.71
CA GLU B 52 -10.60 -7.67 9.49
C GLU B 52 -11.22 -8.32 8.26
N ALA B 53 -11.76 -7.48 7.37
CA ALA B 53 -12.25 -7.92 6.07
C ALA B 53 -11.61 -7.03 4.99
N ASN B 54 -10.98 -7.66 4.00
CA ASN B 54 -10.42 -6.95 2.88
C ASN B 54 -10.78 -7.76 1.64
N ILE B 55 -11.91 -7.40 1.04
CA ILE B 55 -12.64 -8.28 0.12
C ILE B 55 -13.15 -7.45 -1.06
N LYS B 56 -12.98 -8.00 -2.27
CA LYS B 56 -13.65 -7.51 -3.47
C LYS B 56 -14.58 -8.58 -4.05
N ASN B 57 -15.82 -8.17 -4.32
CA ASN B 57 -16.76 -9.02 -5.04
C ASN B 57 -16.75 -8.65 -6.51
N THR B 58 -16.06 -9.48 -7.30
CA THR B 58 -15.77 -9.18 -8.70
C THR B 58 -16.71 -9.99 -9.59
N LYS B 59 -16.63 -9.77 -10.90
CA LYS B 59 -17.42 -10.59 -11.83
C LYS B 59 -16.96 -12.05 -11.75
N ASN B 60 -15.65 -12.23 -11.51
CA ASN B 60 -15.06 -13.56 -11.34
C ASN B 60 -15.10 -14.13 -9.92
N GLY B 61 -16.00 -13.61 -9.07
CA GLY B 61 -16.11 -14.09 -7.70
C GLY B 61 -15.43 -13.23 -6.66
N THR B 62 -15.35 -13.77 -5.44
CA THR B 62 -14.81 -13.07 -4.29
C THR B 62 -13.30 -13.28 -4.12
N VAL B 63 -12.59 -12.16 -4.02
CA VAL B 63 -11.15 -12.15 -3.89
C VAL B 63 -10.77 -11.34 -2.65
N GLY B 64 -9.88 -11.90 -1.83
CA GLY B 64 -9.25 -11.16 -0.73
C GLY B 64 -9.21 -12.03 0.51
N PHE B 65 -9.38 -11.41 1.67
CA PHE B 65 -9.27 -12.19 2.89
C PHE B 65 -10.12 -11.68 4.04
N LEU B 66 -10.34 -12.58 5.00
CA LEU B 66 -10.92 -12.27 6.29
C LEU B 66 -9.96 -12.70 7.36
N VAL B 67 -9.80 -11.89 8.39
CA VAL B 67 -9.07 -12.30 9.58
C VAL B 67 -10.11 -12.53 10.68
N LEU B 68 -10.11 -13.75 11.21
CA LEU B 68 -11.12 -14.20 12.16
C LEU B 68 -10.45 -14.60 13.49
N HIS B 69 -11.06 -14.16 14.58
CA HIS B 69 -10.73 -14.63 15.92
C HIS B 69 -11.77 -15.66 16.34
N ILE B 70 -11.32 -16.86 16.69
CA ILE B 70 -12.21 -17.91 17.19
C ILE B 70 -11.85 -18.15 18.64
N PRO B 71 -12.69 -17.67 19.61
CA PRO B 71 -12.30 -17.83 21.03
C PRO B 71 -12.23 -19.27 21.53
N TYR B 72 -12.95 -20.20 20.90
CA TYR B 72 -12.85 -21.60 21.28
C TYR B 72 -13.28 -22.46 20.10
N ILE B 73 -12.48 -23.49 19.80
CA ILE B 73 -12.89 -24.57 18.91
C ILE B 73 -12.04 -25.79 19.26
N SER B 74 -12.67 -26.97 19.34
CA SER B 74 -11.91 -28.18 19.72
C SER B 74 -10.92 -28.53 18.63
N SER B 75 -9.88 -29.26 19.00
CA SER B 75 -8.83 -29.65 18.07
CA SER B 75 -8.83 -29.64 18.06
C SER B 75 -9.40 -30.47 16.91
N VAL B 76 -10.31 -31.39 17.22
CA VAL B 76 -10.97 -32.20 16.19
C VAL B 76 -11.84 -31.34 15.26
N ASP B 77 -12.60 -30.39 15.83
CA ASP B 77 -13.44 -29.53 14.99
C ASP B 77 -12.64 -28.53 14.14
N PHE B 78 -11.51 -28.09 14.66
CA PHE B 78 -10.62 -27.18 13.91
C PHE B 78 -10.06 -27.89 12.65
N GLY B 79 -9.73 -29.16 12.78
CA GLY B 79 -9.32 -29.98 11.62
C GLY B 79 -10.44 -30.08 10.60
N LYS B 80 -11.66 -30.36 11.06
CA LYS B 80 -12.84 -30.41 10.18
C LYS B 80 -13.14 -29.07 9.51
N PHE B 81 -13.03 -28.00 10.30
CA PHE B 81 -13.21 -26.60 9.85
C PHE B 81 -12.25 -26.32 8.68
N GLU B 82 -10.98 -26.68 8.83
CA GLU B 82 -10.01 -26.42 7.77
C GLU B 82 -10.31 -27.26 6.50
N LYS B 83 -10.64 -28.54 6.68
CA LYS B 83 -10.97 -29.41 5.55
CA LYS B 83 -10.97 -29.42 5.56
C LYS B 83 -12.17 -28.89 4.75
N GLU B 84 -13.19 -28.41 5.47
CA GLU B 84 -14.36 -27.83 4.79
C GLU B 84 -13.95 -26.62 3.94
N LEU B 85 -13.07 -25.78 4.48
CA LEU B 85 -12.55 -24.63 3.74
C LEU B 85 -11.75 -25.06 2.51
N ILE B 86 -10.90 -26.07 2.67
CA ILE B 86 -10.14 -26.66 1.56
C ILE B 86 -11.09 -27.13 0.43
N GLU B 87 -12.21 -27.77 0.81
CA GLU B 87 -13.23 -28.24 -0.14
CA GLU B 87 -13.15 -28.25 -0.19
C GLU B 87 -13.87 -27.09 -0.91
N ARG B 88 -13.96 -25.93 -0.27
CA ARG B 88 -14.50 -24.72 -0.92
C ARG B 88 -13.40 -23.89 -1.57
N GLN B 89 -12.20 -24.46 -1.64
CA GLN B 89 -11.01 -23.76 -2.14
C GLN B 89 -10.72 -22.42 -1.43
N VAL B 90 -10.89 -22.40 -0.12
CA VAL B 90 -10.48 -21.27 0.68
C VAL B 90 -9.26 -21.74 1.48
N LYS B 91 -8.17 -20.97 1.41
CA LYS B 91 -6.97 -21.32 2.15
C LYS B 91 -7.09 -20.77 3.56
N MSE B 92 -6.59 -21.51 4.54
CA MSE B 92 -6.59 -21.02 5.92
C MSE B 92 -5.17 -20.88 6.45
O MSE B 92 -4.39 -21.85 6.40
CB MSE B 92 -7.39 -21.97 6.83
CG MSE B 92 -7.61 -21.42 8.25
SE MSE B 92 -8.26 -22.85 9.43
CE MSE B 92 -6.56 -23.74 9.74
N GLU B 93 -4.84 -19.71 6.95
CA GLU B 93 -3.52 -19.48 7.55
C GLU B 93 -3.71 -19.34 9.06
N VAL B 94 -2.83 -19.95 9.85
CA VAL B 94 -2.93 -19.76 11.31
C VAL B 94 -1.99 -18.63 11.73
N LEU B 95 -2.56 -17.52 12.14
CA LEU B 95 -1.74 -16.34 12.49
C LEU B 95 -1.28 -16.34 13.95
N ARG B 96 -2.20 -16.70 14.85
CA ARG B 96 -1.91 -16.85 16.29
C ARG B 96 -2.72 -18.02 16.85
N HIS B 97 -2.17 -18.63 17.89
CA HIS B 97 -2.89 -19.71 18.60
C HIS B 97 -2.51 -19.65 20.09
N GLY B 98 -3.29 -20.34 20.93
CA GLY B 98 -3.03 -20.41 22.37
C GLY B 98 -2.24 -21.67 22.72
N SER C 1 -4.29 2.79 8.52
CA SER C 1 -3.85 2.75 7.09
C SER C 1 -3.75 4.16 6.51
N ASN C 2 -3.14 4.28 5.34
N ASN C 2 -3.14 4.29 5.33
CA ASN C 2 -2.99 5.56 4.64
CA ASN C 2 -3.00 5.58 4.66
C ASN C 2 -4.33 6.11 4.15
C ASN C 2 -4.35 6.12 4.15
N ALA C 3 -5.25 5.20 3.84
CA ALA C 3 -6.62 5.55 3.42
C ALA C 3 -7.46 6.05 4.61
N ASP C 4 -7.24 5.47 5.79
CA ASP C 4 -7.85 5.95 7.02
C ASP C 4 -7.35 7.35 7.34
N ASP C 5 -6.03 7.54 7.23
CA ASP C 5 -5.40 8.83 7.51
C ASP C 5 -5.88 9.91 6.51
N PHE C 6 -5.96 9.53 5.23
CA PHE C 6 -6.51 10.40 4.19
C PHE C 6 -7.93 10.88 4.55
N GLU C 7 -8.82 9.93 4.83
CA GLU C 7 -10.19 10.26 5.25
C GLU C 7 -10.25 11.11 6.53
N THR C 8 -9.37 10.82 7.49
CA THR C 8 -9.26 11.62 8.72
C THR C 8 -8.92 13.08 8.39
N SER C 9 -7.99 13.28 7.46
CA SER C 9 -7.60 14.63 7.03
C SER C 9 -8.74 15.39 6.31
N LEU C 10 -9.61 14.69 5.60
CA LEU C 10 -10.76 15.35 4.98
C LEU C 10 -11.77 15.79 6.04
N THR C 11 -12.00 14.91 7.01
CA THR C 11 -13.01 15.11 8.05
C THR C 11 -12.60 16.30 8.94
N GLU C 12 -11.29 16.51 9.05
CA GLU C 12 -10.75 17.67 9.74
C GLU C 12 -11.11 18.99 9.07
N LEU C 13 -11.38 18.96 7.76
CA LEU C 13 -11.78 20.17 7.04
C LEU C 13 -13.27 20.47 7.17
N GLU C 14 -13.99 19.59 7.86
CA GLU C 14 -15.42 19.77 8.05
C GLU C 14 -15.68 20.55 9.33
N PRO C 15 -16.84 21.23 9.44
CA PRO C 15 -17.91 21.30 8.43
C PRO C 15 -17.53 22.20 7.22
N LEU C 16 -17.90 21.77 6.02
CA LEU C 16 -17.74 22.59 4.83
C LEU C 16 -18.93 23.53 4.79
N GLU C 17 -18.73 24.72 4.22
CA GLU C 17 -19.84 25.64 3.99
CA GLU C 17 -19.80 25.68 3.96
C GLU C 17 -20.69 25.15 2.83
N LYS C 18 -21.94 25.62 2.78
CA LYS C 18 -22.82 25.35 1.65
CA LYS C 18 -22.78 25.29 1.66
C LYS C 18 -22.12 25.82 0.39
N ASP C 19 -22.18 25.02 -0.66
CA ASP C 19 -21.56 25.32 -1.95
C ASP C 19 -20.02 25.15 -2.00
N ALA C 20 -19.46 24.53 -0.96
CA ALA C 20 -18.06 24.08 -0.94
C ALA C 20 -18.07 22.58 -1.14
N TYR C 21 -17.00 22.06 -1.77
CA TYR C 21 -16.91 20.63 -2.11
C TYR C 21 -15.49 20.15 -1.94
N ILE C 22 -15.32 18.88 -1.60
CA ILE C 22 -14.05 18.21 -1.86
C ILE C 22 -14.32 17.11 -2.87
N VAL C 23 -13.59 17.14 -3.99
CA VAL C 23 -13.84 16.17 -5.06
C VAL C 23 -12.54 15.44 -5.38
N ARG C 24 -12.65 14.25 -5.94
CA ARG C 24 -11.51 13.56 -6.51
C ARG C 24 -11.71 13.46 -8.02
N LEU C 25 -10.69 13.87 -8.78
CA LEU C 25 -10.70 13.77 -10.25
C LEU C 25 -9.85 12.56 -10.61
N VAL C 26 -10.38 11.69 -11.47
CA VAL C 26 -9.74 10.42 -11.82
C VAL C 26 -9.32 10.44 -13.29
N PHE C 27 -8.02 10.28 -13.50
CA PHE C 27 -7.43 10.36 -14.84
C PHE C 27 -7.04 8.96 -15.27
N ALA C 28 -7.45 8.56 -16.47
CA ALA C 28 -7.07 7.24 -16.99
C ALA C 28 -6.59 7.37 -18.42
N GLY C 29 -5.49 8.09 -18.64
CA GLY C 29 -4.89 8.21 -19.97
C GLY C 29 -5.17 9.54 -20.65
N SER C 30 -5.34 10.58 -19.85
CA SER C 30 -5.67 11.90 -20.36
C SER C 30 -4.43 12.73 -20.69
N THR C 31 -4.63 13.97 -21.14
CA THR C 31 -3.53 14.94 -21.23
C THR C 31 -3.22 15.46 -19.80
N THR C 32 -2.15 16.25 -19.65
CA THR C 32 -1.68 16.68 -18.32
C THR C 32 -2.76 17.41 -17.48
N THR C 33 -2.70 17.20 -16.16
CA THR C 33 -3.64 17.81 -15.21
C THR C 33 -3.61 19.35 -15.15
N GLU C 34 -2.42 19.96 -15.27
CA GLU C 34 -2.29 21.43 -15.11
C GLU C 34 -3.21 22.25 -16.05
N PRO C 35 -3.09 22.04 -17.38
CA PRO C 35 -3.98 22.82 -18.23
C PRO C 35 -5.46 22.60 -17.87
N ILE C 36 -5.80 21.42 -17.31
CA ILE C 36 -7.18 21.09 -16.91
C ILE C 36 -7.63 21.92 -15.68
N VAL C 37 -6.82 21.96 -14.64
CA VAL C 37 -7.15 22.68 -13.43
C VAL C 37 -7.20 24.22 -13.58
N SER C 38 -6.20 24.80 -14.23
CA SER C 38 -6.18 26.24 -14.45
C SER C 38 -7.29 26.57 -15.43
N SER C 39 -7.53 25.67 -16.38
CA SER C 39 -8.63 25.84 -17.31
C SER C 39 -10.02 25.85 -16.62
N LEU C 40 -10.24 24.94 -15.67
CA LEU C 40 -11.47 24.90 -14.89
C LEU C 40 -11.64 26.14 -14.01
N SER C 41 -10.58 26.55 -13.33
CA SER C 41 -10.61 27.73 -12.49
C SER C 41 -11.03 28.96 -13.31
N THR C 42 -10.47 29.10 -14.50
CA THR C 42 -10.75 30.22 -15.40
C THR C 42 -12.18 30.17 -15.89
N ALA C 43 -12.63 29.00 -16.32
CA ALA C 43 -13.98 28.87 -16.86
C ALA C 43 -15.08 29.23 -15.86
N TYR C 44 -14.91 28.85 -14.59
CA TYR C 44 -15.95 29.04 -13.57
C TYR C 44 -15.64 30.13 -12.56
N ASP C 45 -14.50 30.80 -12.73
CA ASP C 45 -14.07 31.89 -11.84
C ASP C 45 -13.99 31.40 -10.39
N ILE C 46 -13.37 30.24 -10.21
CA ILE C 46 -13.35 29.59 -8.89
C ILE C 46 -11.93 29.42 -8.36
N LYS C 47 -11.83 29.45 -7.04
CA LYS C 47 -10.61 29.08 -6.36
C LYS C 47 -10.57 27.56 -6.31
N ILE C 48 -9.42 26.97 -6.62
CA ILE C 48 -9.25 25.52 -6.49
C ILE C 48 -7.99 25.26 -5.65
N ASN C 49 -8.16 24.60 -4.50
CA ASN C 49 -7.04 24.25 -3.65
C ASN C 49 -6.73 22.78 -3.89
N ILE C 50 -5.51 22.46 -4.33
CA ILE C 50 -5.10 21.07 -4.48
C ILE C 50 -4.73 20.48 -3.11
N LEU C 51 -5.47 19.46 -2.68
CA LEU C 51 -5.19 18.84 -1.38
C LEU C 51 -4.20 17.72 -1.57
N GLU C 52 -4.38 16.98 -2.65
CA GLU C 52 -3.53 15.84 -2.95
C GLU C 52 -3.41 15.62 -4.44
N ALA C 53 -2.21 15.25 -4.88
CA ALA C 53 -1.96 14.84 -6.25
C ALA C 53 -1.25 13.49 -6.20
N ASN C 54 -1.76 12.51 -6.95
CA ASN C 54 -1.10 11.23 -7.06
C ASN C 54 -1.23 10.82 -8.53
N ILE C 55 -0.20 11.17 -9.30
CA ILE C 55 -0.27 11.25 -10.75
C ILE C 55 1.01 10.67 -11.36
N LYS C 56 0.85 9.88 -12.42
CA LYS C 56 1.97 9.47 -13.26
C LYS C 56 1.72 9.97 -14.69
N ASN C 57 2.72 10.60 -15.27
CA ASN C 57 2.68 10.99 -16.68
C ASN C 57 3.42 9.93 -17.49
N THR C 58 2.64 9.07 -18.15
CA THR C 58 3.16 7.87 -18.81
C THR C 58 3.21 8.11 -20.31
N LYS C 59 3.75 7.14 -21.07
CA LYS C 59 3.73 7.22 -22.53
C LYS C 59 2.29 7.23 -23.07
N ASN C 60 1.40 6.50 -22.39
CA ASN C 60 -0.03 6.48 -22.72
C ASN C 60 -0.87 7.58 -22.03
N GLY C 61 -0.23 8.67 -21.59
CA GLY C 61 -0.95 9.77 -20.96
C GLY C 61 -0.94 9.76 -19.44
N THR C 62 -1.78 10.62 -18.84
CA THR C 62 -1.80 10.86 -17.42
C THR C 62 -2.76 9.93 -16.69
N VAL C 63 -2.23 9.25 -15.67
CA VAL C 63 -2.98 8.28 -14.89
C VAL C 63 -2.87 8.63 -13.40
N GLY C 64 -4.00 8.63 -12.71
CA GLY C 64 -4.04 8.76 -11.24
C GLY C 64 -5.13 9.72 -10.83
N PHE C 65 -4.89 10.49 -9.76
CA PHE C 65 -5.93 11.39 -9.29
C PHE C 65 -5.45 12.67 -8.66
N LEU C 66 -6.37 13.65 -8.62
CA LEU C 66 -6.20 14.86 -7.84
C LEU C 66 -7.35 14.95 -6.85
N VAL C 67 -7.06 15.36 -5.61
CA VAL C 67 -8.10 15.70 -4.67
C VAL C 67 -8.13 17.23 -4.53
N LEU C 68 -9.30 17.82 -4.80
CA LEU C 68 -9.45 19.26 -4.90
C LEU C 68 -10.49 19.75 -3.88
N HIS C 69 -10.14 20.82 -3.18
CA HIS C 69 -11.08 21.56 -2.35
C HIS C 69 -11.54 22.79 -3.14
N ILE C 70 -12.85 22.95 -3.29
CA ILE C 70 -13.39 24.12 -3.96
C ILE C 70 -14.22 24.87 -2.92
N PRO C 71 -13.72 26.03 -2.42
CA PRO C 71 -14.46 26.71 -1.34
C PRO C 71 -15.82 27.29 -1.73
N TYR C 72 -16.04 27.56 -3.01
CA TYR C 72 -17.33 28.04 -3.48
C TYR C 72 -17.47 27.71 -4.96
N ILE C 73 -18.62 27.16 -5.33
CA ILE C 73 -19.02 27.09 -6.73
C ILE C 73 -20.55 26.96 -6.74
N SER C 74 -21.22 27.68 -7.63
CA SER C 74 -22.68 27.61 -7.66
C SER C 74 -23.14 26.22 -8.12
N SER C 75 -24.37 25.87 -7.76
CA SER C 75 -24.94 24.58 -8.12
CA SER C 75 -24.90 24.56 -8.11
C SER C 75 -24.96 24.39 -9.63
N VAL C 76 -25.37 25.44 -10.34
CA VAL C 76 -25.40 25.43 -11.80
C VAL C 76 -23.99 25.26 -12.39
N ASP C 77 -23.01 26.01 -11.88
CA ASP C 77 -21.65 25.85 -12.38
C ASP C 77 -20.99 24.51 -12.03
N PHE C 78 -21.34 23.96 -10.89
CA PHE C 78 -20.82 22.64 -10.50
C PHE C 78 -21.30 21.54 -11.46
N GLY C 79 -22.55 21.65 -11.92
CA GLY C 79 -23.07 20.77 -12.99
C GLY C 79 -22.28 20.91 -14.30
N LYS C 80 -22.02 22.14 -14.72
CA LYS C 80 -21.19 22.39 -15.90
C LYS C 80 -19.74 21.92 -15.74
N PHE C 81 -19.16 22.16 -14.58
CA PHE C 81 -17.83 21.69 -14.19
C PHE C 81 -17.70 20.17 -14.44
N GLU C 82 -18.67 19.41 -13.90
CA GLU C 82 -18.64 17.96 -14.04
C GLU C 82 -18.82 17.52 -15.50
N LYS C 83 -19.75 18.15 -16.20
CA LYS C 83 -20.00 17.84 -17.62
CA LYS C 83 -20.00 17.83 -17.61
C LYS C 83 -18.74 18.03 -18.45
N GLU C 84 -18.01 19.13 -18.20
CA GLU C 84 -16.77 19.41 -18.91
C GLU C 84 -15.71 18.31 -18.64
N LEU C 85 -15.64 17.87 -17.39
CA LEU C 85 -14.72 16.78 -17.04
C LEU C 85 -15.09 15.47 -17.76
N ILE C 86 -16.38 15.12 -17.74
CA ILE C 86 -16.90 13.98 -18.47
C ILE C 86 -16.47 14.03 -19.95
N GLU C 87 -16.61 15.18 -20.59
CA GLU C 87 -16.18 15.37 -21.99
C GLU C 87 -14.69 15.13 -22.20
N ARG C 88 -13.86 15.43 -21.20
CA ARG C 88 -12.42 15.12 -21.24
C ARG C 88 -12.12 13.72 -20.73
N GLN C 89 -13.17 12.92 -20.52
CA GLN C 89 -13.06 11.61 -19.87
C GLN C 89 -12.33 11.60 -18.52
N VAL C 90 -12.56 12.62 -17.71
CA VAL C 90 -12.13 12.63 -16.33
C VAL C 90 -13.37 12.36 -15.45
N LYS C 91 -13.26 11.39 -14.57
CA LYS C 91 -14.36 11.04 -13.66
C LYS C 91 -14.26 11.92 -12.42
N MSE C 92 -15.39 12.36 -11.89
CA MSE C 92 -15.40 13.20 -10.70
C MSE C 92 -16.17 12.50 -9.59
O MSE C 92 -17.32 12.08 -9.78
CB MSE C 92 -16.04 14.56 -11.00
CG MSE C 92 -15.92 15.56 -9.85
SE MSE C 92 -17.11 17.09 -10.08
CE MSE C 92 -18.80 16.21 -9.61
N GLU C 93 -15.53 12.38 -8.43
CA GLU C 93 -16.14 11.77 -7.26
C GLU C 93 -16.38 12.86 -6.25
N VAL C 94 -17.54 12.89 -5.60
CA VAL C 94 -17.77 13.89 -4.56
C VAL C 94 -17.46 13.27 -3.20
N LEU C 95 -16.39 13.74 -2.57
CA LEU C 95 -15.95 13.14 -1.31
C LEU C 95 -16.58 13.77 -0.08
N ARG C 96 -16.72 15.11 -0.09
CA ARG C 96 -17.39 15.87 0.96
C ARG C 96 -18.12 17.04 0.32
N HIS C 97 -19.21 17.45 0.97
CA HIS C 97 -19.93 18.65 0.53
C HIS C 97 -20.50 19.37 1.77
N GLY C 98 -20.95 20.61 1.58
CA GLY C 98 -21.56 21.40 2.64
C GLY C 98 -23.06 21.28 2.60
C1 BU1 D . 41.49 -3.69 -0.52
C2 BU1 D . 40.52 -2.59 -0.93
C3 BU1 D . 40.51 -2.47 -2.44
C4 BU1 D . 39.57 -1.36 -2.87
O5 BU1 D . 40.78 -4.93 -0.45
O6 BU1 D . 40.37 -0.24 -3.26
C1 BU1 E . 24.75 -0.33 12.56
C2 BU1 E . 24.40 1.15 12.65
C3 BU1 E . 23.38 1.51 11.56
C4 BU1 E . 23.96 2.48 10.55
O5 BU1 E . 24.52 -0.97 13.81
O6 BU1 E . 22.97 3.47 10.23
C1 BU1 F . -19.11 31.32 -14.91
C2 BU1 F . -19.07 32.83 -14.97
C3 BU1 F . -17.69 33.33 -14.58
C4 BU1 F . -17.12 34.21 -15.68
O5 BU1 F . -20.38 30.93 -14.36
O6 BU1 F . -15.69 34.05 -15.72
C1 BU1 G . -7.53 24.43 1.59
C2 BU1 G . -7.06 25.76 2.17
C3 BU1 G . -5.92 26.36 1.35
C4 BU1 G . -5.70 27.84 1.67
O5 BU1 G . -8.34 23.75 2.55
O6 BU1 G . -6.35 28.69 0.70
#